data_8DUC
#
_entry.id   8DUC
#
_cell.length_a   58.600
_cell.length_b   58.600
_cell.length_c   276.747
_cell.angle_alpha   90.000
_cell.angle_beta   90.000
_cell.angle_gamma   120.000
#
_symmetry.space_group_name_H-M   'P 65 2 2'
#
loop_
_entity.id
_entity.type
_entity.pdbx_description
1 polymer 'Estrogen receptor'
2 non-polymer "[(1'R)-1'-(4-{[(3R)-1-ethylpyrrolidin-3-yl]methoxy}phenyl)-6'-hydroxy-1',4'-dihydro-2'H-spiro[cyclopropane-1,3'-isoquinolin]-2'-yl](phenyl)methanone"
3 water water
#
_entity_poly.entity_id   1
_entity_poly.type   'polypeptide(L)'
_entity_poly.pdbx_seq_one_letter_code
;MSKKNSLALSLTADQMVSALLDAEPPILYSEYDPTRPFSEASMMGLLTNLADRELVHMINWAKRVPGFVDLTLHDQVHLL
ESAWLEILMIGLVWRSMEHPGKLLFAPNLLLDRNQGKSVEGMVEIFDMLLATSSRFRMMNLQGEEFVCLKSIILLNSGVY
TFLSSTLKSLEEKDHIHRVLDKITDTLIHLMAKAGLTLQQQHQRLAQLLLILSHIRHMSNKGMEHLYSMKSKNVVPSYDL
LLEMLDAHRLHAPTS
;
_entity_poly.pdbx_strand_id   A
#
loop_
_chem_comp.id
_chem_comp.type
_chem_comp.name
_chem_comp.formula
TU9 non-polymer [(1'R)-1'-(4-{[(3R)-1-ethylpyrrolidin-3-yl]methoxy}phenyl)-6'-hydroxy-1',4'-dihydro-2'H-spiro[cyclopropane-1,3'-isoquinolin]-2'-yl](phenyl)methanone 'C31 H34 N2 O3'
#
# COMPACT_ATOMS: atom_id res chain seq x y z
N LEU A 11 -6.23 18.77 8.92
CA LEU A 11 -7.10 18.60 7.75
C LEU A 11 -8.45 18.01 8.12
N THR A 12 -9.49 18.40 7.38
CA THR A 12 -10.76 17.70 7.49
C THR A 12 -10.65 16.29 6.90
N ALA A 13 -11.67 15.48 7.17
CA ALA A 13 -11.72 14.14 6.57
C ALA A 13 -11.71 14.23 5.04
N ASP A 14 -12.54 15.13 4.50
CA ASP A 14 -12.60 15.25 3.05
C ASP A 14 -11.31 15.82 2.48
N GLN A 15 -10.59 16.64 3.24
CA GLN A 15 -9.28 17.12 2.75
C GLN A 15 -8.24 16.01 2.80
N MET A 16 -8.34 15.11 3.77
CA MET A 16 -7.46 13.93 3.79
C MET A 16 -7.64 13.09 2.52
N VAL A 17 -8.89 12.82 2.14
CA VAL A 17 -9.19 12.01 0.97
C VAL A 17 -8.65 12.66 -0.29
N SER A 18 -8.96 13.95 -0.49
CA SER A 18 -8.47 14.68 -1.65
C SER A 18 -6.96 14.65 -1.75
N ALA A 19 -6.27 14.96 -0.65
CA ALA A 19 -4.82 14.89 -0.63
C ALA A 19 -4.31 13.49 -1.00
N LEU A 20 -4.92 12.45 -0.42
CA LEU A 20 -4.46 11.10 -0.72
C LEU A 20 -4.73 10.73 -2.17
N LEU A 21 -5.89 11.11 -2.70
CA LEU A 21 -6.21 10.78 -4.10
C LEU A 21 -5.27 11.49 -5.08
N ASP A 22 -4.93 12.76 -4.81
CA ASP A 22 -4.00 13.46 -5.70
C ASP A 22 -2.60 12.89 -5.61
N ALA A 23 -2.21 12.37 -4.44
CA ALA A 23 -0.88 11.79 -4.26
C ALA A 23 -0.68 10.48 -5.00
N GLU A 24 -1.73 9.92 -5.58
CA GLU A 24 -1.67 8.57 -6.13
C GLU A 24 -0.57 8.46 -7.17
N PRO A 25 0.21 7.39 -7.15
CA PRO A 25 1.29 7.22 -8.12
C PRO A 25 0.72 6.86 -9.49
N PRO A 26 1.48 7.06 -10.55
CA PRO A 26 1.00 6.67 -11.87
C PRO A 26 1.04 5.16 -12.08
N ILE A 27 0.27 4.71 -13.06
CA ILE A 27 0.26 3.29 -13.41
C ILE A 27 1.33 3.07 -14.47
N LEU A 28 2.39 2.35 -14.09
CA LEU A 28 3.49 2.16 -15.02
C LEU A 28 3.21 1.01 -15.97
N TYR A 29 3.93 1.00 -17.08
CA TYR A 29 3.84 -0.05 -18.07
C TYR A 29 5.03 -0.97 -17.95
N SER A 30 4.82 -2.25 -18.30
CA SER A 30 5.96 -3.15 -18.42
C SER A 30 6.77 -2.74 -19.64
N GLU A 31 8.10 -2.88 -19.56
CA GLU A 31 8.94 -2.56 -20.70
C GLU A 31 9.39 -3.87 -21.37
N TYR A 32 8.53 -4.38 -22.25
CA TYR A 32 8.90 -5.45 -23.18
C TYR A 32 8.47 -4.99 -24.56
N ASP A 33 9.18 -5.46 -25.59
CA ASP A 33 8.86 -5.08 -26.97
C ASP A 33 7.52 -5.71 -27.36
N PRO A 34 6.49 -4.92 -27.64
CA PRO A 34 5.17 -5.52 -27.91
C PRO A 34 5.16 -6.32 -29.19
N THR A 35 5.99 -5.94 -30.15
CA THR A 35 6.05 -6.59 -31.45
C THR A 35 6.92 -7.84 -31.45
N ARG A 36 7.55 -8.20 -30.32
CA ARG A 36 8.50 -9.29 -30.33
C ARG A 36 7.98 -10.54 -29.63
N MET A 44 9.90 -12.68 -14.96
CA MET A 44 10.42 -12.32 -13.64
C MET A 44 11.27 -11.06 -13.72
N GLY A 45 12.06 -10.95 -14.80
CA GLY A 45 12.77 -9.71 -15.02
C GLY A 45 11.79 -8.59 -15.29
N LEU A 46 10.67 -8.92 -15.92
CA LEU A 46 9.68 -7.91 -16.21
C LEU A 46 9.02 -7.43 -14.92
N LEU A 47 8.73 -8.37 -14.02
CA LEU A 47 8.13 -8.05 -12.73
C LEU A 47 9.12 -7.29 -11.84
N THR A 48 10.38 -7.72 -11.83
CA THR A 48 11.42 -7.00 -11.08
C THR A 48 11.64 -5.59 -11.62
N ASN A 49 11.75 -5.46 -12.95
CA ASN A 49 11.91 -4.14 -13.54
C ASN A 49 10.76 -3.21 -13.17
N LEU A 50 9.53 -3.73 -13.20
CA LEU A 50 8.38 -2.91 -12.88
C LEU A 50 8.46 -2.40 -11.44
N ALA A 51 8.77 -3.30 -10.51
CA ALA A 51 8.88 -2.96 -9.09
C ALA A 51 9.96 -1.92 -8.85
N ASP A 52 11.11 -2.04 -9.56
CA ASP A 52 12.17 -1.03 -9.45
C ASP A 52 11.64 0.36 -9.78
N ARG A 53 10.92 0.49 -10.91
CA ARG A 53 10.42 1.79 -11.33
C ARG A 53 9.32 2.31 -10.41
N GLU A 54 8.48 1.43 -9.89
CA GLU A 54 7.41 1.86 -9.00
C GLU A 54 7.96 2.40 -7.68
N LEU A 55 9.12 1.90 -7.26
CA LEU A 55 9.63 2.29 -5.96
C LEU A 55 9.91 3.77 -5.92
N VAL A 56 10.43 4.32 -7.02
CA VAL A 56 10.74 5.73 -7.06
C VAL A 56 9.47 6.54 -6.88
N HIS A 57 8.39 6.14 -7.58
CA HIS A 57 7.13 6.84 -7.41
C HIS A 57 6.54 6.56 -6.04
N MET A 58 6.78 5.37 -5.49
CA MET A 58 6.38 5.09 -4.10
C MET A 58 6.89 6.14 -3.13
N ILE A 59 8.21 6.44 -3.21
CA ILE A 59 8.84 7.47 -2.37
C ILE A 59 8.10 8.79 -2.48
N ASN A 60 7.80 9.20 -3.71
CA ASN A 60 7.14 10.48 -3.90
C ASN A 60 5.76 10.46 -3.32
N TRP A 61 5.08 9.31 -3.43
CA TRP A 61 3.76 9.14 -2.85
C TRP A 61 3.85 9.21 -1.33
N ALA A 62 4.81 8.50 -0.73
CA ALA A 62 4.94 8.46 0.72
C ALA A 62 5.12 9.86 1.30
N LYS A 63 5.93 10.69 0.65
CA LYS A 63 6.17 12.02 1.18
C LYS A 63 4.93 12.90 1.16
N ARG A 64 3.89 12.53 0.41
CA ARG A 64 2.63 13.26 0.36
C ARG A 64 1.55 12.67 1.25
N VAL A 65 1.80 11.54 1.91
CA VAL A 65 0.88 11.01 2.91
C VAL A 65 0.97 11.97 4.10
N PRO A 66 -0.13 12.62 4.48
CA PRO A 66 -0.06 13.60 5.57
C PRO A 66 0.61 13.02 6.80
N GLY A 67 1.55 13.79 7.36
CA GLY A 67 2.24 13.39 8.57
C GLY A 67 3.53 12.62 8.34
N PHE A 68 3.70 12.02 7.16
CA PHE A 68 4.88 11.19 6.94
C PHE A 68 6.16 12.01 6.95
N VAL A 69 6.17 13.17 6.28
CA VAL A 69 7.43 13.93 6.23
C VAL A 69 7.73 14.62 7.55
N ASP A 70 6.79 14.62 8.49
CA ASP A 70 7.06 15.10 9.84
C ASP A 70 7.98 14.17 10.60
N LEU A 71 8.13 12.90 10.17
CA LEU A 71 8.99 11.95 10.86
C LEU A 71 10.47 12.24 10.56
N THR A 72 11.35 11.66 11.37
CA THR A 72 12.78 11.69 11.03
C THR A 72 13.02 10.92 9.74
N LEU A 73 14.08 11.32 9.03
CA LEU A 73 14.44 10.62 7.81
C LEU A 73 14.71 9.13 8.09
N HIS A 74 15.38 8.84 9.21
CA HIS A 74 15.60 7.46 9.64
C HIS A 74 14.27 6.71 9.82
N ASP A 75 13.28 7.35 10.41
CA ASP A 75 11.98 6.67 10.66
C ASP A 75 11.23 6.49 9.34
N GLN A 76 11.32 7.48 8.44
CA GLN A 76 10.71 7.33 7.12
C GLN A 76 11.29 6.12 6.39
N VAL A 77 12.61 5.99 6.39
CA VAL A 77 13.25 4.87 5.71
C VAL A 77 12.77 3.55 6.32
N HIS A 78 12.74 3.46 7.66
CA HIS A 78 12.33 2.23 8.32
C HIS A 78 10.92 1.84 7.92
N LEU A 79 10.00 2.82 7.91
CA LEU A 79 8.63 2.53 7.53
C LEU A 79 8.53 2.04 6.08
N LEU A 80 9.23 2.71 5.16
CA LEU A 80 9.19 2.31 3.75
C LEU A 80 9.84 0.96 3.56
N GLU A 81 10.91 0.68 4.30
CA GLU A 81 11.58 -0.61 4.21
C GLU A 81 10.65 -1.75 4.64
N SER A 82 9.85 -1.53 5.69
N SER A 82 9.88 -1.54 5.72
CA SER A 82 8.97 -2.57 6.16
CA SER A 82 8.96 -2.59 6.15
C SER A 82 7.70 -2.69 5.32
C SER A 82 7.76 -2.71 5.23
N ALA A 83 7.29 -1.62 4.64
CA ALA A 83 6.02 -1.61 3.93
C ALA A 83 6.09 -1.79 2.42
N TRP A 84 7.27 -1.69 1.77
CA TRP A 84 7.26 -1.46 0.33
C TRP A 84 6.57 -2.61 -0.42
N LEU A 85 6.81 -3.86 -0.02
CA LEU A 85 6.21 -4.93 -0.82
C LEU A 85 4.72 -5.01 -0.59
N GLU A 86 4.27 -4.78 0.66
CA GLU A 86 2.83 -4.69 0.90
C GLU A 86 2.18 -3.60 0.04
N ILE A 87 2.84 -2.46 -0.09
N ILE A 87 2.85 -2.46 -0.09
CA ILE A 87 2.26 -1.35 -0.86
CA ILE A 87 2.28 -1.35 -0.87
C ILE A 87 2.18 -1.70 -2.34
C ILE A 87 2.17 -1.73 -2.33
N LEU A 88 3.22 -2.34 -2.89
CA LEU A 88 3.15 -2.80 -4.28
C LEU A 88 2.02 -3.82 -4.48
N MET A 89 1.85 -4.71 -3.50
CA MET A 89 0.89 -5.81 -3.56
C MET A 89 -0.54 -5.27 -3.46
N ILE A 90 -0.80 -4.33 -2.55
CA ILE A 90 -2.15 -3.77 -2.48
C ILE A 90 -2.47 -2.97 -3.74
N GLY A 91 -1.49 -2.26 -4.30
CA GLY A 91 -1.72 -1.58 -5.57
C GLY A 91 -2.09 -2.55 -6.67
N LEU A 92 -1.36 -3.66 -6.75
CA LEU A 92 -1.66 -4.72 -7.72
C LEU A 92 -3.07 -5.24 -7.54
N VAL A 93 -3.44 -5.59 -6.29
CA VAL A 93 -4.75 -6.19 -6.03
C VAL A 93 -5.87 -5.21 -6.40
N TRP A 94 -5.65 -3.91 -6.11
CA TRP A 94 -6.59 -2.84 -6.48
C TRP A 94 -6.73 -2.73 -8.01
N ARG A 95 -5.61 -2.73 -8.75
CA ARG A 95 -5.67 -2.64 -10.21
C ARG A 95 -6.42 -3.81 -10.81
N SER A 96 -6.29 -4.99 -10.19
CA SER A 96 -6.76 -6.26 -10.71
C SER A 96 -8.21 -6.56 -10.34
N MET A 97 -8.84 -5.68 -9.58
CA MET A 97 -10.14 -5.99 -8.99
C MET A 97 -11.16 -6.28 -10.07
N GLU A 98 -11.15 -5.50 -11.14
CA GLU A 98 -12.14 -5.62 -12.20
C GLU A 98 -11.67 -6.57 -13.31
N HIS A 99 -10.79 -7.52 -12.96
CA HIS A 99 -10.25 -8.49 -13.92
C HIS A 99 -10.22 -9.85 -13.25
N PRO A 100 -11.39 -10.47 -13.04
CA PRO A 100 -11.45 -11.75 -12.33
C PRO A 100 -10.47 -12.75 -12.92
N GLY A 101 -9.80 -13.47 -12.03
CA GLY A 101 -8.88 -14.51 -12.43
C GLY A 101 -7.56 -14.02 -12.99
N LYS A 102 -7.31 -12.71 -13.04
CA LYS A 102 -6.03 -12.23 -13.57
C LYS A 102 -5.45 -11.15 -12.67
N LEU A 103 -4.15 -10.98 -12.82
CA LEU A 103 -3.42 -9.92 -12.13
C LEU A 103 -2.91 -8.91 -13.14
N LEU A 104 -3.27 -7.65 -12.94
CA LEU A 104 -2.91 -6.57 -13.88
C LEU A 104 -1.61 -5.97 -13.34
N PHE A 105 -0.50 -6.66 -13.62
CA PHE A 105 0.79 -6.13 -13.20
C PHE A 105 1.04 -4.78 -13.86
N ALA A 106 0.60 -4.62 -15.11
CA ALA A 106 0.61 -3.37 -15.87
C ALA A 106 -0.47 -3.47 -16.94
N PRO A 107 -0.90 -2.34 -17.52
CA PRO A 107 -1.96 -2.43 -18.53
C PRO A 107 -1.59 -3.32 -19.68
N ASN A 108 -0.29 -3.47 -19.97
CA ASN A 108 0.19 -4.38 -21.01
C ASN A 108 0.77 -5.66 -20.44
N LEU A 109 0.44 -6.01 -19.17
CA LEU A 109 0.98 -7.27 -18.64
C LEU A 109 -0.10 -7.82 -17.69
N LEU A 110 -1.11 -8.45 -18.28
CA LEU A 110 -2.25 -8.99 -17.56
C LEU A 110 -2.14 -10.51 -17.63
N LEU A 111 -1.85 -11.15 -16.50
CA LEU A 111 -1.49 -12.55 -16.47
C LEU A 111 -2.51 -13.34 -15.66
N ASP A 112 -2.73 -14.59 -16.05
CA ASP A 112 -3.55 -15.49 -15.26
C ASP A 112 -2.66 -16.45 -14.50
N ARG A 113 -3.30 -17.25 -13.64
CA ARG A 113 -2.52 -18.09 -12.73
C ARG A 113 -1.68 -19.11 -13.50
N ASN A 114 -2.13 -19.53 -14.68
CA ASN A 114 -1.34 -20.47 -15.46
C ASN A 114 -0.04 -19.83 -15.96
N GLN A 115 -0.04 -18.52 -16.20
CA GLN A 115 1.17 -17.80 -16.55
C GLN A 115 2.07 -17.52 -15.36
N GLY A 116 1.59 -17.73 -14.14
CA GLY A 116 2.45 -17.64 -12.97
C GLY A 116 3.10 -18.97 -12.65
N GLY A 121 7.22 -21.71 -6.73
CA GLY A 121 6.47 -21.18 -5.61
C GLY A 121 5.72 -19.88 -5.91
N MET A 122 5.77 -19.50 -7.19
CA MET A 122 5.09 -18.29 -7.62
C MET A 122 3.57 -18.46 -7.60
N VAL A 123 3.06 -19.62 -8.03
CA VAL A 123 1.62 -19.72 -8.17
C VAL A 123 0.92 -19.62 -6.82
N GLU A 124 1.57 -20.06 -5.74
CA GLU A 124 1.00 -19.90 -4.40
C GLU A 124 0.71 -18.44 -4.08
N ILE A 125 1.69 -17.57 -4.31
CA ILE A 125 1.46 -16.15 -4.03
C ILE A 125 0.44 -15.57 -5.00
N PHE A 126 0.54 -15.97 -6.27
CA PHE A 126 -0.43 -15.53 -7.29
C PHE A 126 -1.87 -15.78 -6.82
N ASP A 127 -2.13 -16.98 -6.32
CA ASP A 127 -3.48 -17.32 -5.88
C ASP A 127 -3.92 -16.50 -4.69
N MET A 128 -3.00 -16.15 -3.78
CA MET A 128 -3.39 -15.27 -2.69
C MET A 128 -3.73 -13.88 -3.19
N LEU A 129 -2.96 -13.33 -4.13
CA LEU A 129 -3.30 -12.01 -4.66
C LEU A 129 -4.69 -12.04 -5.31
N LEU A 130 -4.95 -13.06 -6.14
CA LEU A 130 -6.28 -13.18 -6.76
C LEU A 130 -7.39 -13.20 -5.71
N ALA A 131 -7.18 -13.97 -4.64
CA ALA A 131 -8.20 -14.07 -3.61
C ALA A 131 -8.44 -12.74 -2.93
N THR A 132 -7.37 -11.94 -2.76
CA THR A 132 -7.54 -10.61 -2.18
C THR A 132 -8.29 -9.71 -3.14
N SER A 133 -7.94 -9.78 -4.43
CA SER A 133 -8.66 -9.00 -5.42
C SER A 133 -10.13 -9.37 -5.42
N SER A 134 -10.43 -10.67 -5.31
CA SER A 134 -11.82 -11.10 -5.28
C SER A 134 -12.53 -10.58 -4.03
N ARG A 135 -11.83 -10.54 -2.90
CA ARG A 135 -12.44 -10.03 -1.67
C ARG A 135 -12.75 -8.54 -1.78
N PHE A 136 -11.79 -7.76 -2.29
CA PHE A 136 -12.04 -6.37 -2.68
C PHE A 136 -13.27 -6.25 -3.58
N ARG A 137 -13.39 -7.13 -4.58
CA ARG A 137 -14.52 -7.05 -5.51
C ARG A 137 -15.83 -7.24 -4.77
N MET A 138 -15.90 -8.28 -3.95
CA MET A 138 -17.11 -8.58 -3.18
C MET A 138 -17.50 -7.43 -2.26
N MET A 139 -16.52 -6.85 -1.55
CA MET A 139 -16.81 -5.72 -0.68
C MET A 139 -17.08 -4.41 -1.42
N ASN A 140 -16.90 -4.38 -2.73
CA ASN A 140 -16.99 -3.15 -3.53
C ASN A 140 -16.12 -2.03 -2.97
N LEU A 141 -14.83 -2.34 -2.81
CA LEU A 141 -13.88 -1.37 -2.27
C LEU A 141 -13.85 -0.13 -3.14
N GLN A 142 -14.01 1.04 -2.53
CA GLN A 142 -13.95 2.32 -3.22
C GLN A 142 -12.52 2.84 -3.23
N GLY A 143 -12.21 3.64 -4.26
CA GLY A 143 -10.88 4.23 -4.36
C GLY A 143 -10.52 5.07 -3.15
N GLU A 144 -11.51 5.75 -2.56
CA GLU A 144 -11.25 6.55 -1.38
C GLU A 144 -10.82 5.67 -0.21
N GLU A 145 -11.48 4.51 -0.06
CA GLU A 145 -11.08 3.56 0.98
C GLU A 145 -9.71 2.98 0.69
N PHE A 146 -9.42 2.68 -0.59
CA PHE A 146 -8.15 2.07 -0.95
C PHE A 146 -6.97 2.96 -0.58
N VAL A 147 -7.08 4.25 -0.85
CA VAL A 147 -5.94 5.13 -0.53
C VAL A 147 -5.77 5.25 0.97
N CYS A 148 -6.86 5.17 1.74
CA CYS A 148 -6.72 5.16 3.20
C CYS A 148 -5.99 3.90 3.68
N LEU A 149 -6.39 2.74 3.16
CA LEU A 149 -5.72 1.48 3.51
C LEU A 149 -4.24 1.51 3.18
N LYS A 150 -3.89 2.01 1.99
CA LYS A 150 -2.49 2.04 1.57
C LYS A 150 -1.66 2.94 2.50
N SER A 151 -2.21 4.08 2.90
N SER A 151 -2.22 4.08 2.92
CA SER A 151 -1.52 4.94 3.87
CA SER A 151 -1.52 4.94 3.87
C SER A 151 -1.40 4.25 5.22
C SER A 151 -1.43 4.30 5.25
N ILE A 152 -2.44 3.53 5.66
CA ILE A 152 -2.35 2.77 6.91
C ILE A 152 -1.17 1.79 6.84
N ILE A 153 -1.04 1.04 5.73
CA ILE A 153 0.10 0.12 5.58
C ILE A 153 1.43 0.84 5.79
N LEU A 154 1.59 2.00 5.14
CA LEU A 154 2.85 2.73 5.24
C LEU A 154 3.17 3.06 6.69
N LEU A 155 2.19 3.56 7.43
CA LEU A 155 2.42 4.00 8.80
C LEU A 155 2.48 2.85 9.82
N ASN A 156 1.81 1.73 9.56
CA ASN A 156 1.67 0.67 10.56
C ASN A 156 2.71 -0.44 10.43
N SER A 157 3.16 -0.76 9.21
CA SER A 157 3.87 -2.02 9.03
C SER A 157 5.20 -2.03 9.76
N GLY A 158 5.88 -0.88 9.87
CA GLY A 158 7.14 -0.82 10.58
C GLY A 158 7.09 -0.30 12.00
N VAL A 159 5.89 -0.01 12.54
CA VAL A 159 5.81 0.80 13.75
C VAL A 159 6.16 -0.01 15.00
N TYR A 160 6.03 -1.34 14.98
CA TYR A 160 6.40 -2.18 16.12
C TYR A 160 7.83 -2.69 16.02
N THR A 161 8.66 -2.13 15.13
CA THR A 161 10.05 -2.57 15.02
C THR A 161 11.04 -1.41 15.00
N PHE A 162 10.72 -0.30 15.67
CA PHE A 162 11.65 0.83 15.76
C PHE A 162 12.79 0.55 16.75
N THR A 166 14.47 6.14 22.72
CA THR A 166 14.78 7.55 22.91
C THR A 166 13.50 8.38 23.04
N LEU A 167 13.62 9.57 23.65
CA LEU A 167 12.46 10.44 23.78
C LEU A 167 11.91 10.84 22.42
N LYS A 168 12.79 11.05 21.44
CA LYS A 168 12.29 11.43 20.13
C LYS A 168 11.59 10.25 19.47
N SER A 169 12.01 9.03 19.80
CA SER A 169 11.33 7.85 19.28
C SER A 169 9.95 7.70 19.91
N LEU A 170 9.84 8.03 21.18
CA LEU A 170 8.49 7.99 21.77
C LEU A 170 7.62 9.02 21.07
N GLU A 171 8.17 10.18 20.74
CA GLU A 171 7.36 11.24 20.10
C GLU A 171 6.98 10.80 18.67
N GLU A 172 7.90 10.08 18.01
CA GLU A 172 7.68 9.58 16.63
C GLU A 172 6.49 8.61 16.63
N LYS A 173 6.43 7.73 17.63
CA LYS A 173 5.31 6.75 17.73
C LYS A 173 4.00 7.45 18.06
N ASP A 174 4.02 8.34 18.94
N ASP A 174 4.01 8.34 18.95
CA ASP A 174 2.77 9.04 19.22
CA ASP A 174 2.75 9.04 19.23
C ASP A 174 2.22 9.70 17.97
C ASP A 174 2.21 9.71 17.97
N HIS A 175 3.10 10.39 17.24
CA HIS A 175 2.69 11.03 16.00
C HIS A 175 2.11 10.00 15.03
N ILE A 176 2.81 8.89 14.81
CA ILE A 176 2.31 7.88 13.88
C ILE A 176 0.92 7.40 14.30
N HIS A 177 0.74 7.16 15.61
CA HIS A 177 -0.56 6.70 16.08
C HIS A 177 -1.63 7.78 15.93
N ARG A 178 -1.26 9.05 16.09
CA ARG A 178 -2.24 10.12 15.84
C ARG A 178 -2.61 10.17 14.36
N VAL A 179 -1.66 9.96 13.46
CA VAL A 179 -1.99 9.99 12.04
C VAL A 179 -2.87 8.80 11.69
N LEU A 180 -2.46 7.62 12.16
CA LEU A 180 -3.31 6.45 11.97
C LEU A 180 -4.73 6.71 12.48
N ASP A 181 -4.86 7.35 13.65
CA ASP A 181 -6.19 7.62 14.18
C ASP A 181 -7.00 8.52 13.26
N LYS A 182 -6.36 9.52 12.67
CA LYS A 182 -7.06 10.41 11.75
C LYS A 182 -7.50 9.68 10.48
N ILE A 183 -6.72 8.69 10.02
CA ILE A 183 -7.15 7.89 8.86
C ILE A 183 -8.33 7.00 9.25
N THR A 184 -8.34 6.46 10.47
CA THR A 184 -9.51 5.73 10.94
C THR A 184 -10.75 6.62 10.89
N ASP A 185 -10.64 7.83 11.46
CA ASP A 185 -11.74 8.80 11.41
C ASP A 185 -12.18 9.05 9.97
N THR A 186 -11.22 9.15 9.05
CA THR A 186 -11.53 9.39 7.64
C THR A 186 -12.26 8.22 7.02
N LEU A 187 -11.84 6.99 7.30
CA LEU A 187 -12.54 5.83 6.77
C LEU A 187 -14.00 5.80 7.24
N ILE A 188 -14.22 6.04 8.54
CA ILE A 188 -15.57 6.08 9.08
C ILE A 188 -16.35 7.22 8.44
N HIS A 189 -15.72 8.38 8.24
CA HIS A 189 -16.42 9.50 7.58
C HIS A 189 -16.93 9.07 6.20
N LEU A 190 -16.05 8.43 5.40
CA LEU A 190 -16.45 7.93 4.08
C LEU A 190 -17.65 6.99 4.17
N MET A 191 -17.67 6.09 5.16
CA MET A 191 -18.77 5.13 5.27
C MET A 191 -20.06 5.79 5.76
N ALA A 192 -19.96 6.70 6.73
CA ALA A 192 -21.17 7.43 7.12
C ALA A 192 -21.68 8.25 5.96
N LYS A 193 -20.77 8.87 5.23
CA LYS A 193 -21.11 9.66 4.05
C LYS A 193 -21.91 8.85 3.06
N ALA A 194 -21.56 7.58 2.90
CA ALA A 194 -22.24 6.70 1.96
C ALA A 194 -23.52 6.11 2.53
N GLY A 195 -23.92 6.52 3.74
CA GLY A 195 -25.21 6.13 4.29
C GLY A 195 -25.22 4.88 5.15
N LEU A 196 -24.06 4.26 5.37
CA LEU A 196 -24.00 3.07 6.22
C LEU A 196 -24.45 3.42 7.63
N THR A 197 -25.10 2.46 8.28
CA THR A 197 -25.43 2.66 9.68
C THR A 197 -24.15 2.62 10.53
N LEU A 198 -24.27 3.09 11.77
CA LEU A 198 -23.13 3.03 12.69
C LEU A 198 -22.63 1.60 12.83
N GLN A 199 -23.54 0.63 12.91
CA GLN A 199 -23.10 -0.76 12.97
C GLN A 199 -22.36 -1.17 11.71
N GLN A 200 -22.93 -0.88 10.54
CA GLN A 200 -22.28 -1.24 9.29
C GLN A 200 -20.93 -0.53 9.14
N GLN A 201 -20.80 0.68 9.71
CA GLN A 201 -19.53 1.40 9.62
C GLN A 201 -18.43 0.64 10.35
N HIS A 202 -18.69 0.24 11.60
CA HIS A 202 -17.70 -0.50 12.39
C HIS A 202 -17.37 -1.82 11.71
N GLN A 203 -18.41 -2.51 11.22
CA GLN A 203 -18.20 -3.81 10.61
C GLN A 203 -17.33 -3.69 9.37
N ARG A 204 -17.56 -2.67 8.54
CA ARG A 204 -16.76 -2.54 7.33
C ARG A 204 -15.34 -2.10 7.64
N LEU A 205 -15.19 -1.19 8.60
CA LEU A 205 -13.86 -0.80 9.08
C LEU A 205 -13.07 -2.04 9.49
N ALA A 206 -13.70 -2.94 10.27
CA ALA A 206 -13.02 -4.17 10.72
C ALA A 206 -12.70 -5.09 9.55
N GLN A 207 -13.66 -5.26 8.62
CA GLN A 207 -13.39 -6.11 7.46
C GLN A 207 -12.20 -5.58 6.64
N LEU A 208 -12.15 -4.26 6.42
CA LEU A 208 -11.03 -3.69 5.67
C LEU A 208 -9.70 -3.90 6.38
N LEU A 209 -9.68 -3.67 7.70
CA LEU A 209 -8.42 -3.75 8.44
C LEU A 209 -7.93 -5.18 8.59
N LEU A 210 -8.83 -6.15 8.68
CA LEU A 210 -8.43 -7.54 8.68
C LEU A 210 -7.83 -7.96 7.34
N ILE A 211 -8.26 -7.37 6.22
CA ILE A 211 -7.57 -7.69 4.97
C ILE A 211 -6.10 -7.28 5.01
N LEU A 212 -5.78 -6.27 5.81
CA LEU A 212 -4.37 -5.85 5.89
C LEU A 212 -3.52 -6.97 6.51
N SER A 213 -4.10 -7.80 7.37
CA SER A 213 -3.31 -8.93 7.92
C SER A 213 -2.90 -9.90 6.80
N HIS A 214 -3.80 -10.11 5.84
CA HIS A 214 -3.57 -11.02 4.68
C HIS A 214 -2.54 -10.36 3.75
N ILE A 215 -2.62 -9.05 3.63
CA ILE A 215 -1.59 -8.40 2.77
C ILE A 215 -0.22 -8.57 3.43
N ARG A 216 -0.14 -8.43 4.76
CA ARG A 216 1.13 -8.69 5.43
C ARG A 216 1.60 -10.12 5.17
N HIS A 217 0.68 -11.09 5.28
CA HIS A 217 1.03 -12.49 5.03
C HIS A 217 1.67 -12.67 3.65
N MET A 218 1.00 -12.16 2.61
CA MET A 218 1.51 -12.23 1.23
C MET A 218 2.86 -11.58 1.09
N SER A 219 3.03 -10.39 1.68
CA SER A 219 4.35 -9.73 1.65
CA SER A 219 4.34 -9.74 1.64
C SER A 219 5.41 -10.63 2.26
N ASN A 220 5.12 -11.24 3.42
CA ASN A 220 6.12 -12.13 4.02
C ASN A 220 6.40 -13.30 3.09
N LYS A 221 5.37 -13.89 2.50
CA LYS A 221 5.59 -15.00 1.59
C LYS A 221 6.41 -14.54 0.38
N GLY A 222 6.16 -13.32 -0.07
CA GLY A 222 6.90 -12.79 -1.20
C GLY A 222 8.35 -12.49 -0.87
N MET A 223 8.60 -11.88 0.31
CA MET A 223 9.98 -11.72 0.76
C MET A 223 10.70 -13.04 0.92
N GLU A 224 9.98 -14.12 1.23
CA GLU A 224 10.60 -15.44 1.24
C GLU A 224 10.92 -15.91 -0.17
N HIS A 225 10.00 -15.63 -1.11
CA HIS A 225 10.17 -16.01 -2.51
C HIS A 225 11.32 -15.26 -3.17
N LEU A 226 11.64 -14.05 -2.70
CA LEU A 226 12.77 -13.26 -3.18
C LEU A 226 14.09 -13.64 -2.53
N TYR A 227 14.18 -14.83 -1.93
CA TYR A 227 15.45 -15.32 -1.40
C TYR A 227 15.68 -16.77 -1.83
N VAL A 235 15.80 -6.68 -3.43
CA VAL A 235 15.21 -5.96 -2.28
C VAL A 235 15.90 -4.60 -2.11
N PRO A 236 15.13 -3.50 -2.09
CA PRO A 236 15.74 -2.18 -1.91
C PRO A 236 16.48 -2.09 -0.59
N SER A 237 17.71 -1.60 -0.62
CA SER A 237 18.50 -1.50 0.59
C SER A 237 18.07 -0.28 1.40
N TYR A 238 18.40 -0.31 2.69
CA TYR A 238 18.27 0.89 3.52
C TYR A 238 18.92 2.09 2.83
N ASP A 239 20.16 1.91 2.34
CA ASP A 239 20.92 3.02 1.76
C ASP A 239 20.25 3.56 0.51
N LEU A 240 19.68 2.69 -0.32
CA LEU A 240 19.01 3.13 -1.52
C LEU A 240 17.74 3.92 -1.18
N LEU A 241 16.95 3.36 -0.26
CA LEU A 241 15.76 4.04 0.23
C LEU A 241 16.13 5.39 0.83
N LEU A 242 17.13 5.43 1.70
CA LEU A 242 17.58 6.70 2.30
C LEU A 242 18.07 7.67 1.24
N GLU A 243 18.80 7.14 0.24
CA GLU A 243 19.32 7.98 -0.87
C GLU A 243 18.14 8.60 -1.65
N MET A 244 17.03 7.87 -1.80
CA MET A 244 15.87 8.35 -2.54
C MET A 244 15.05 9.28 -1.65
N LEU A 245 15.02 9.01 -0.35
CA LEU A 245 14.28 9.84 0.58
C LEU A 245 15.07 11.07 1.03
N ASP A 246 16.41 10.96 1.10
CA ASP A 246 17.26 12.06 1.60
C ASP A 246 17.51 13.03 0.46
N ALA A 247 16.45 13.72 0.06
CA ALA A 247 16.54 14.67 -1.04
C ALA A 247 17.10 16.02 -0.59
N HIS A 248 17.81 16.67 -1.51
CA HIS A 248 18.09 18.08 -1.29
C HIS A 248 16.90 18.90 -1.76
N ARG A 249 16.98 20.20 -1.52
CA ARG A 249 16.02 21.15 -2.07
C ARG A 249 16.62 21.79 -3.31
N1 TU9 B . 5.60 -9.68 -7.83
C4 TU9 B . 3.51 -5.90 -7.93
C5 TU9 B . 4.39 -7.16 -7.80
C6 TU9 B . 5.41 -7.30 -8.51
C7 TU9 B . 3.86 -8.21 -6.87
C8 TU9 B . 4.57 -9.52 -6.79
C10 TU9 B . 6.06 -10.97 -8.34
C13 TU9 B . 5.24 -14.61 -7.47
C15 TU9 B . 3.19 -13.37 -8.11
C17 TU9 B . 7.57 -8.19 -7.74
C20 TU9 B . 10.06 -7.49 -6.62
C21 TU9 B . 9.99 -8.44 -7.79
C22 TU9 B . 8.84 -8.75 -8.31
C24 TU9 B . 13.74 -6.24 -6.18
C26 TU9 B . 14.56 -4.14 -5.84
C28 TU9 B . 16.02 -4.40 -7.35
C1 TU9 B . 5.80 -6.17 -9.43
C11 TU9 B . 5.38 -12.29 -7.99
C12 TU9 B . 6.05 -13.36 -7.64
C14 TU9 B . 3.95 -14.60 -7.67
C16 TU9 B . 3.88 -12.29 -8.27
C18 TU9 B . 7.58 -7.40 -6.71
C19 TU9 B . 8.94 -7.04 -6.13
C2 TU9 B . 5.09 -5.10 -9.54
C23 TU9 B . 12.16 -6.12 -6.48
C25 TU9 B . 14.29 -5.45 -5.17
C27 TU9 B . 14.41 -5.79 -7.45
C29 TU9 B . 16.47 -4.60 -8.82
C3 TU9 B . 3.85 -4.91 -8.75
C30 TU9 B . 4.20 -10.74 -5.90
C31 TU9 B . 4.76 -9.58 -5.25
C9 TU9 B . 6.30 -8.54 -8.40
N2 TU9 B . 14.83 -4.48 -7.19
O1 TU9 B . 3.11 -3.76 -8.87
O2 TU9 B . 6.89 -10.99 -9.16
O3 TU9 B . 11.34 -7.19 -6.05
#